data_4FO0
#
_entry.id   4FO0
#
_cell.length_a   80.875
_cell.length_b   151.262
_cell.length_c   173.350
_cell.angle_alpha   90.00
_cell.angle_beta   90.00
_cell.angle_gamma   90.00
#
_symmetry.space_group_name_H-M   'C 2 2 21'
#
loop_
_entity.id
_entity.type
_entity.pdbx_description
1 polymer 'Actin-related protein 8'
2 non-polymer 'MAGNESIUM ION'
3 non-polymer "ADENOSINE-5'-TRIPHOSPHATE"
4 non-polymer GLYCEROL
5 non-polymer 'CHLORIDE ION'
6 water water
#
_entity_poly.entity_id   1
_entity_poly.type   'polypeptide(L)'
_entity_poly.pdbx_seq_one_letter_code
;GPLVPESLQEQIQSNFIIVIHPGSTTLRIGRATDTLPASIPHVIARRHKQQGQPLYKDSWLLREGLNKPESNEQRQNGLK
MVDQAIWSKKMSNGTRRIPVSPEQARSYNKQMRPAILDHCSGNKWTNTSHHPEYLVGEEALYVNPLDCYNIHWPIRRGQL
NIHPGPGGSLTAVLADIEVIWSHAIQKYLEIPLKDLKYYRCILLIPDIYNKQHVKELVNMILMKMGFSGIVVHQESVCAT
YGSGLSSTCIVDVGDQKTSVCCVEDGVSHRNTRLCLAYGGSDVSRCFYWLMQRAGFPYRECQLTNKMDCLLLQHLKETFC
HLDQDISGLQDHEFQIRHPDSPALLYQFRLGDEKLQAPMALFYPATFGIVGQKMTTLQHRSQGDPEDPHDEHYLLATQSK
QEQSAKATADRKSASKPIGFEGDLRGQSSDLPERLHSQEVDLGSAQGDGLMAGNDSEEALTALMSRKTAISLFEGKALGL
DKAILHSIDCCSSDDTKKKMYSSILVVGGGLMFHKAQEFLQHRILNKMPPSFRRIIENVDVITRPKDMDPRLIAWKGGAV
LACLDTTQELWIYQREWQRFGVRMLRERAAFVW
;
_entity_poly.pdbx_strand_id   A
#
loop_
_chem_comp.id
_chem_comp.type
_chem_comp.name
_chem_comp.formula
ATP non-polymer ADENOSINE-5'-TRIPHOSPHATE 'C10 H16 N5 O13 P3'
CL non-polymer 'CHLORIDE ION' 'Cl -1'
GOL non-polymer GLYCEROL 'C3 H8 O3'
MG non-polymer 'MAGNESIUM ION' 'Mg 2'
#
# COMPACT_ATOMS: atom_id res chain seq x y z
N GLY A 1 -10.20 -15.94 25.80
CA GLY A 1 -11.38 -16.78 25.77
C GLY A 1 -12.56 -16.25 26.58
N PRO A 2 -12.45 -15.03 27.15
CA PRO A 2 -13.58 -14.43 27.86
C PRO A 2 -14.61 -13.87 26.88
N LEU A 3 -15.74 -14.56 26.71
CA LEU A 3 -16.77 -14.08 25.80
C LEU A 3 -17.65 -13.05 26.50
N VAL A 4 -17.73 -11.84 25.94
CA VAL A 4 -18.34 -10.70 26.62
C VAL A 4 -19.73 -10.33 26.08
N PRO A 5 -20.75 -10.32 26.96
CA PRO A 5 -22.13 -10.03 26.54
C PRO A 5 -22.18 -8.70 25.80
N GLU A 6 -23.17 -8.50 24.94
CA GLU A 6 -23.20 -7.28 24.17
C GLU A 6 -23.48 -6.06 25.04
N SER A 7 -24.20 -6.26 26.13
CA SER A 7 -24.52 -5.15 27.03
C SER A 7 -23.27 -4.50 27.65
N LEU A 8 -22.12 -5.16 27.53
CA LEU A 8 -20.89 -4.73 28.22
C LEU A 8 -19.69 -4.48 27.33
N GLN A 9 -19.78 -4.86 26.05
CA GLN A 9 -18.60 -4.81 25.18
C GLN A 9 -18.11 -3.40 24.91
N GLU A 10 -18.92 -2.40 25.28
CA GLU A 10 -18.49 -1.01 25.20
C GLU A 10 -17.83 -0.56 26.49
N GLN A 11 -17.51 -1.52 27.36
CA GLN A 11 -16.89 -1.17 28.63
C GLN A 11 -15.58 -1.90 28.86
N ILE A 12 -15.26 -2.85 27.99
CA ILE A 12 -13.97 -3.51 28.08
C ILE A 12 -12.82 -2.55 27.71
N GLN A 13 -11.61 -2.88 28.16
CA GLN A 13 -10.42 -2.08 27.91
C GLN A 13 -10.16 -1.76 26.44
N SER A 14 -10.24 -2.77 25.59
CA SER A 14 -9.89 -2.59 24.18
C SER A 14 -10.88 -1.70 23.44
N ASN A 15 -11.94 -1.26 24.12
CA ASN A 15 -12.89 -0.36 23.51
C ASN A 15 -12.36 1.06 23.59
N PHE A 16 -11.34 1.24 24.42
CA PHE A 16 -10.76 2.56 24.65
C PHE A 16 -9.35 2.68 24.10
N ILE A 17 -9.00 1.74 23.24
CA ILE A 17 -7.73 1.79 22.55
C ILE A 17 -7.95 1.96 21.06
N ILE A 18 -7.49 3.09 20.51
CA ILE A 18 -7.57 3.30 19.07
C ILE A 18 -6.33 2.78 18.35
N VAL A 19 -6.54 1.93 17.35
CA VAL A 19 -5.44 1.38 16.58
C VAL A 19 -5.32 2.09 15.24
N ILE A 20 -4.13 2.64 14.97
CA ILE A 20 -3.93 3.49 13.79
C ILE A 20 -2.85 2.97 12.85
N HIS A 21 -3.27 2.62 11.64
CA HIS A 21 -2.33 2.14 10.63
C HIS A 21 -2.38 3.03 9.41
N PRO A 22 -1.48 4.00 9.34
CA PRO A 22 -1.38 4.93 8.21
C PRO A 22 -0.82 4.22 6.97
N GLY A 23 -1.16 4.72 5.79
CA GLY A 23 -0.63 4.21 4.54
C GLY A 23 -0.50 5.36 3.55
N SER A 24 0.27 5.16 2.49
CA SER A 24 0.39 6.17 1.44
C SER A 24 -0.98 6.52 0.87
N THR A 25 -1.84 5.51 0.72
CA THR A 25 -3.12 5.73 0.07
C THR A 25 -4.31 5.48 1.00
N THR A 26 -4.17 4.55 1.93
CA THR A 26 -5.28 4.28 2.84
C THR A 26 -4.90 4.33 4.30
N LEU A 27 -5.62 5.14 5.07
CA LEU A 27 -5.54 5.07 6.52
C LEU A 27 -6.48 3.96 7.03
N ARG A 28 -5.97 3.11 7.91
CA ARG A 28 -6.83 2.12 8.53
C ARG A 28 -6.88 2.41 10.01
N ILE A 29 -8.08 2.68 10.50
CA ILE A 29 -8.22 3.17 11.88
C ILE A 29 -9.48 2.62 12.54
N GLY A 30 -9.39 2.31 13.83
CA GLY A 30 -10.55 1.78 14.55
C GLY A 30 -10.25 1.46 16.01
N ARG A 31 -11.28 1.12 16.77
CA ARG A 31 -11.09 0.62 18.14
C ARG A 31 -10.52 -0.78 18.08
N ALA A 32 -9.69 -1.12 19.06
CA ALA A 32 -9.13 -2.47 19.13
C ALA A 32 -10.22 -3.56 19.19
N THR A 33 -11.46 -3.16 19.50
CA THR A 33 -12.57 -4.10 19.53
C THR A 33 -13.29 -4.24 18.20
N ASP A 34 -13.15 -3.25 17.32
CA ASP A 34 -13.78 -3.34 16.00
C ASP A 34 -13.24 -4.56 15.27
N THR A 35 -14.10 -5.22 14.51
CA THR A 35 -13.67 -6.41 13.77
C THR A 35 -12.97 -5.96 12.50
N LEU A 36 -13.63 -5.03 11.80
CA LEU A 36 -13.01 -4.31 10.70
C LEU A 36 -12.74 -2.86 11.11
N PRO A 37 -11.56 -2.35 10.75
CA PRO A 37 -11.27 -0.92 10.94
C PRO A 37 -11.94 -0.13 9.82
N ALA A 38 -12.15 1.16 10.05
CA ALA A 38 -12.51 2.05 8.95
C ALA A 38 -11.32 2.23 8.00
N SER A 39 -11.62 2.36 6.72
CA SER A 39 -10.61 2.55 5.69
C SER A 39 -10.88 3.85 4.99
N ILE A 40 -9.94 4.78 5.10
CA ILE A 40 -10.12 6.10 4.53
C ILE A 40 -8.99 6.41 3.56
N PRO A 41 -9.34 6.98 2.40
CA PRO A 41 -8.31 7.54 1.50
C PRO A 41 -7.53 8.57 2.29
N HIS A 42 -6.23 8.36 2.42
CA HIS A 42 -5.43 9.16 3.30
C HIS A 42 -5.01 10.45 2.59
N VAL A 43 -5.98 11.34 2.42
CA VAL A 43 -5.82 12.51 1.55
C VAL A 43 -6.68 13.65 2.07
N ILE A 44 -6.30 14.88 1.72
CA ILE A 44 -7.03 16.05 2.19
C ILE A 44 -7.03 17.13 1.12
N ALA A 45 -8.18 17.76 0.94
CA ALA A 45 -8.29 18.92 0.05
C ALA A 45 -8.39 20.18 0.89
N ARG A 46 -7.54 21.15 0.58
CA ARG A 46 -7.53 22.40 1.30
C ARG A 46 -7.90 23.52 0.37
N ARG A 47 -8.80 24.38 0.82
CA ARG A 47 -9.25 25.51 0.01
C ARG A 47 -8.14 26.52 -0.17
N HIS A 48 -8.26 27.34 -1.21
CA HIS A 48 -7.39 28.50 -1.35
C HIS A 48 -7.89 29.58 -0.42
N LYS A 49 -7.00 30.48 -0.03
CA LYS A 49 -7.41 31.60 0.82
C LYS A 49 -7.64 32.85 -0.04
N GLN A 50 -7.23 32.77 -1.31
CA GLN A 50 -7.38 33.86 -2.27
C GLN A 50 -7.79 33.35 -3.65
N GLN A 51 -8.27 34.28 -4.47
CA GLN A 51 -8.51 34.00 -5.89
C GLN A 51 -7.18 33.91 -6.66
N GLY A 52 -7.17 33.12 -7.71
CA GLY A 52 -6.03 33.05 -8.61
C GLY A 52 -4.73 32.47 -8.03
N GLN A 53 -4.86 31.53 -7.10
CA GLN A 53 -3.71 30.74 -6.66
C GLN A 53 -3.57 29.56 -7.63
N PRO A 54 -2.32 29.10 -7.91
CA PRO A 54 -2.17 27.92 -8.79
C PRO A 54 -2.59 26.65 -8.07
N LEU A 55 -3.26 25.75 -8.77
CA LEU A 55 -3.76 24.53 -8.14
C LEU A 55 -2.65 23.52 -7.92
N TYR A 56 -2.40 23.18 -6.66
CA TYR A 56 -1.44 22.15 -6.34
C TYR A 56 -2.11 20.77 -6.28
N LYS A 57 -1.64 19.83 -7.09
CA LYS A 57 -2.11 18.45 -6.99
C LYS A 57 -0.91 17.57 -6.69
N ASP A 58 -1.01 16.75 -5.64
CA ASP A 58 0.06 15.80 -5.38
C ASP A 58 0.12 14.75 -6.47
N SER A 59 1.31 14.22 -6.71
CA SER A 59 1.44 13.10 -7.62
C SER A 59 0.84 11.86 -6.97
N TRP A 60 0.22 11.01 -7.77
CA TRP A 60 -0.24 9.71 -7.29
C TRP A 60 0.33 8.56 -8.13
N LEU A 61 -0.24 8.34 -9.32
CA LEU A 61 0.29 7.33 -10.23
C LEU A 61 1.48 7.84 -11.03
N LEU A 62 1.73 9.14 -11.01
CA LEU A 62 2.99 9.62 -11.58
C LEU A 62 4.00 9.85 -10.47
N ARG A 63 5.27 9.96 -10.87
CA ARG A 63 6.36 10.09 -9.92
C ARG A 63 7.56 10.59 -10.69
N GLU A 64 8.58 11.07 -9.98
CA GLU A 64 9.81 11.53 -10.62
C GLU A 64 10.56 10.42 -11.33
N GLY A 65 11.19 10.76 -12.45
CA GLY A 65 12.10 9.84 -13.11
C GLY A 65 11.47 8.96 -14.18
N LEU A 66 10.19 9.14 -14.47
CA LEU A 66 9.53 8.32 -15.49
C LEU A 66 9.89 8.74 -16.91
N ASN A 67 10.40 9.96 -17.07
CA ASN A 67 10.69 10.49 -18.40
C ASN A 67 12.12 10.97 -18.61
N LYS A 68 13.07 10.34 -17.93
CA LYS A 68 14.46 10.57 -18.26
C LYS A 68 14.73 10.03 -19.66
N PRO A 69 15.85 10.42 -20.28
CA PRO A 69 16.26 9.89 -21.58
C PRO A 69 16.32 8.36 -21.60
N GLU A 70 16.74 7.76 -20.49
CA GLU A 70 16.87 6.31 -20.44
C GLU A 70 15.57 5.59 -20.11
N SER A 71 14.55 6.33 -19.68
CA SER A 71 13.34 5.71 -19.14
C SER A 71 12.70 4.75 -20.12
N ASN A 72 12.64 5.15 -21.37
CA ASN A 72 11.93 4.37 -22.35
C ASN A 72 12.64 3.06 -22.67
N GLU A 73 13.96 3.15 -22.88
CA GLU A 73 14.76 1.96 -23.10
C GLU A 73 14.71 0.99 -21.92
N GLN A 74 14.88 1.51 -20.71
CA GLN A 74 14.84 0.70 -19.49
C GLN A 74 13.52 -0.05 -19.39
N ARG A 75 12.44 0.65 -19.67
CA ARG A 75 11.11 0.07 -19.71
C ARG A 75 11.06 -1.11 -20.69
N GLN A 76 11.45 -0.86 -21.94
CA GLN A 76 11.61 -1.89 -22.96
C GLN A 76 12.36 -3.15 -22.49
N ASN A 77 13.55 -2.96 -21.92
CA ASN A 77 14.39 -4.08 -21.56
C ASN A 77 13.80 -4.88 -20.43
N GLY A 78 13.13 -4.18 -19.51
CA GLY A 78 12.41 -4.83 -18.42
C GLY A 78 11.28 -5.71 -18.94
N LEU A 79 10.54 -5.17 -19.90
CA LEU A 79 9.40 -5.90 -20.45
C LEU A 79 9.88 -7.14 -21.19
N LYS A 80 11.10 -7.08 -21.73
CA LYS A 80 11.72 -8.26 -22.33
C LYS A 80 12.11 -9.30 -21.27
N MET A 81 12.53 -8.85 -20.10
CA MET A 81 12.77 -9.80 -19.01
C MET A 81 11.48 -10.46 -18.53
N VAL A 82 10.43 -9.66 -18.38
CA VAL A 82 9.09 -10.17 -18.05
C VAL A 82 8.68 -11.23 -19.06
N ASP A 83 8.76 -10.86 -20.33
CA ASP A 83 8.38 -11.75 -21.40
C ASP A 83 9.17 -13.04 -21.38
N GLN A 84 10.46 -12.94 -21.06
CA GLN A 84 11.35 -14.09 -21.04
C GLN A 84 10.95 -15.05 -19.93
N ALA A 85 10.60 -14.47 -18.79
CA ALA A 85 10.13 -15.22 -17.64
C ALA A 85 8.78 -15.87 -17.90
N ILE A 86 7.96 -15.23 -18.72
CA ILE A 86 6.63 -15.75 -19.00
C ILE A 86 6.74 -17.00 -19.88
N TRP A 87 7.46 -16.83 -20.99
CA TRP A 87 7.78 -17.91 -21.91
C TRP A 87 8.46 -19.09 -21.23
N SER A 88 9.44 -18.78 -20.38
CA SER A 88 10.21 -19.78 -19.71
C SER A 88 9.37 -20.73 -18.85
N LYS A 89 8.22 -20.25 -18.39
CA LYS A 89 7.36 -21.03 -17.49
C LYS A 89 6.29 -21.74 -18.29
N LYS A 90 6.29 -23.06 -18.24
CA LYS A 90 5.34 -23.83 -19.04
C LYS A 90 3.97 -23.73 -18.40
N MET A 91 2.96 -24.12 -19.16
CA MET A 91 1.61 -24.12 -18.62
C MET A 91 1.30 -25.45 -17.96
N SER A 92 0.11 -25.58 -17.38
CA SER A 92 -0.25 -26.76 -16.62
C SER A 92 -0.21 -28.03 -17.46
N ASN A 93 -0.55 -27.91 -18.74
CA ASN A 93 -0.50 -29.04 -19.64
C ASN A 93 0.92 -29.31 -20.18
N GLY A 94 1.90 -28.60 -19.64
CA GLY A 94 3.28 -28.74 -20.06
C GLY A 94 3.71 -28.04 -21.35
N THR A 95 2.79 -27.30 -21.98
CA THR A 95 3.14 -26.63 -23.23
C THR A 95 3.60 -25.20 -23.00
N ARG A 96 4.16 -24.58 -24.02
CA ARG A 96 4.45 -23.14 -23.96
C ARG A 96 3.19 -22.29 -24.03
N ARG A 97 3.25 -21.15 -23.36
CA ARG A 97 2.20 -20.15 -23.42
C ARG A 97 2.35 -19.34 -24.70
N ILE A 98 1.37 -19.42 -25.59
CA ILE A 98 1.44 -18.75 -26.87
C ILE A 98 1.14 -17.26 -26.70
N PRO A 99 2.13 -16.42 -27.01
CA PRO A 99 1.91 -14.97 -26.87
C PRO A 99 0.88 -14.45 -27.87
N VAL A 100 0.16 -13.41 -27.51
CA VAL A 100 -0.81 -12.77 -28.41
C VAL A 100 -0.40 -11.33 -28.66
N SER A 101 -0.70 -10.81 -29.84
CA SER A 101 -0.20 -9.50 -30.23
C SER A 101 -1.01 -8.30 -29.70
N PRO A 102 -0.30 -7.31 -29.14
CA PRO A 102 -0.90 -6.00 -28.87
C PRO A 102 -1.55 -5.39 -30.13
N GLU A 103 -0.90 -5.52 -31.29
CA GLU A 103 -1.45 -4.96 -32.51
C GLU A 103 -2.74 -5.65 -32.94
N GLN A 104 -2.79 -6.97 -32.79
CA GLN A 104 -4.02 -7.69 -33.08
C GLN A 104 -5.19 -7.13 -32.26
N ALA A 105 -4.93 -6.85 -30.98
CA ALA A 105 -5.94 -6.26 -30.11
C ALA A 105 -6.29 -4.83 -30.54
N ARG A 106 -5.28 -4.02 -30.79
CA ARG A 106 -5.50 -2.64 -31.20
C ARG A 106 -6.48 -2.57 -32.38
N SER A 107 -6.33 -3.46 -33.35
CA SER A 107 -7.21 -3.47 -34.52
C SER A 107 -8.67 -3.58 -34.17
N TYR A 108 -9.01 -4.58 -33.38
CA TYR A 108 -10.36 -4.75 -32.89
C TYR A 108 -10.76 -3.59 -31.97
N ASN A 109 -9.84 -3.15 -31.14
CA ASN A 109 -10.20 -2.24 -30.07
C ASN A 109 -10.63 -0.86 -30.51
N LYS A 110 -9.96 -0.31 -31.51
CA LYS A 110 -10.30 1.07 -31.75
C LYS A 110 -11.36 1.29 -32.84
N GLN A 111 -12.08 0.19 -33.10
CA GLN A 111 -13.41 0.18 -33.69
C GLN A 111 -14.48 0.19 -32.59
N MET A 112 -14.06 0.02 -31.34
CA MET A 112 -15.02 -0.02 -30.22
C MET A 112 -15.44 1.36 -29.74
N ARG A 113 -16.76 1.55 -29.61
CA ARG A 113 -17.31 2.75 -28.98
C ARG A 113 -18.08 2.35 -27.75
N PRO A 114 -18.08 3.23 -26.74
CA PRO A 114 -18.81 2.96 -25.50
C PRO A 114 -20.33 3.07 -25.70
N ALA A 115 -21.07 2.21 -25.01
CA ALA A 115 -22.51 2.32 -24.96
C ALA A 115 -22.82 3.13 -23.70
N ILE A 116 -23.96 3.82 -23.66
CA ILE A 116 -24.35 4.44 -22.40
C ILE A 116 -25.32 3.55 -21.61
N LEU A 117 -25.01 3.36 -20.33
CA LEU A 117 -25.85 2.56 -19.46
C LEU A 117 -26.92 3.45 -18.85
N ASP A 118 -26.57 4.73 -18.68
CA ASP A 118 -27.42 5.70 -18.01
C ASP A 118 -27.08 7.11 -18.46
N HIS A 119 -28.07 7.97 -18.56
CA HIS A 119 -27.84 9.32 -19.02
C HIS A 119 -26.88 10.01 -18.12
N CYS A 120 -27.05 9.81 -16.83
CA CYS A 120 -26.13 10.36 -15.85
C CYS A 120 -25.41 9.24 -15.13
N SER A 121 -24.16 9.50 -14.76
CA SER A 121 -23.29 8.47 -14.22
C SER A 121 -23.75 8.03 -12.84
N GLY A 122 -24.38 8.93 -12.11
CA GLY A 122 -24.84 8.64 -10.77
C GLY A 122 -23.85 9.06 -9.68
N ASN A 123 -22.71 9.60 -10.10
CA ASN A 123 -21.75 10.18 -9.18
C ASN A 123 -21.61 11.66 -9.43
N LYS A 124 -21.36 12.42 -8.38
CA LYS A 124 -21.18 13.85 -8.54
C LYS A 124 -20.00 14.40 -7.75
N TRP A 125 -19.56 15.58 -8.13
CA TRP A 125 -18.51 16.25 -7.40
C TRP A 125 -18.97 16.50 -5.98
N THR A 126 -18.03 16.40 -5.04
CA THR A 126 -18.28 16.86 -3.69
C THR A 126 -18.82 18.31 -3.70
N ASN A 127 -19.88 18.57 -2.94
CA ASN A 127 -20.38 19.93 -2.91
C ASN A 127 -19.53 20.85 -2.04
N THR A 128 -19.09 21.95 -2.63
CA THR A 128 -18.26 22.91 -1.94
C THR A 128 -18.91 24.30 -1.98
N SER A 129 -20.23 24.34 -2.14
CA SER A 129 -20.96 25.61 -2.19
C SER A 129 -20.75 26.45 -0.93
N HIS A 130 -20.76 25.78 0.21
CA HIS A 130 -20.53 26.41 1.51
C HIS A 130 -19.06 26.66 1.82
N HIS A 131 -18.19 26.58 0.82
CA HIS A 131 -16.77 26.90 0.99
C HIS A 131 -16.06 26.28 2.20
N PRO A 132 -16.09 24.95 2.33
CA PRO A 132 -15.35 24.30 3.42
C PRO A 132 -13.87 24.68 3.35
N GLU A 133 -13.21 24.84 4.48
CA GLU A 133 -11.77 25.12 4.44
C GLU A 133 -11.01 23.90 3.96
N TYR A 134 -11.59 22.73 4.21
CA TYR A 134 -10.98 21.47 3.76
C TYR A 134 -11.96 20.34 3.60
N LEU A 135 -11.49 19.28 2.94
CA LEU A 135 -12.27 18.08 2.75
C LEU A 135 -11.35 16.92 2.99
N VAL A 136 -11.91 15.82 3.45
CA VAL A 136 -11.10 14.68 3.83
C VAL A 136 -11.52 13.40 3.14
N GLY A 137 -10.54 12.55 2.84
CA GLY A 137 -10.81 11.22 2.34
C GLY A 137 -11.53 11.20 1.01
N GLU A 138 -12.58 10.40 0.94
CA GLU A 138 -13.34 10.26 -0.28
C GLU A 138 -13.97 11.58 -0.76
N GLU A 139 -14.42 12.41 0.18
CA GLU A 139 -14.90 13.73 -0.19
C GLU A 139 -13.81 14.54 -0.88
N ALA A 140 -12.58 14.38 -0.41
CA ALA A 140 -11.46 15.06 -1.03
C ALA A 140 -11.21 14.56 -2.45
N LEU A 141 -11.28 13.24 -2.66
CA LEU A 141 -11.03 12.69 -3.99
C LEU A 141 -12.02 13.22 -5.01
N TYR A 142 -13.21 13.56 -4.56
CA TYR A 142 -14.31 13.94 -5.45
C TYR A 142 -14.52 15.44 -5.64
N VAL A 143 -13.55 16.22 -5.19
CA VAL A 143 -13.57 17.63 -5.48
C VAL A 143 -13.28 17.85 -6.96
N ASN A 144 -14.19 18.55 -7.64
CA ASN A 144 -13.98 18.97 -9.01
C ASN A 144 -12.59 19.58 -9.14
N PRO A 145 -11.79 19.09 -10.09
CA PRO A 145 -10.41 19.53 -10.31
C PRO A 145 -10.34 21.02 -10.62
N LEU A 146 -11.46 21.58 -11.07
CA LEU A 146 -11.55 23.02 -11.33
C LEU A 146 -11.83 23.88 -10.09
N ASP A 147 -12.28 23.26 -9.00
CA ASP A 147 -12.46 23.99 -7.76
C ASP A 147 -11.16 24.46 -7.16
N CYS A 148 -11.27 25.44 -6.28
CA CYS A 148 -10.10 26.10 -5.73
C CYS A 148 -9.65 25.34 -4.50
N TYR A 149 -9.15 24.13 -4.74
CA TYR A 149 -8.62 23.32 -3.65
C TYR A 149 -7.31 22.68 -4.07
N ASN A 150 -6.34 22.72 -3.18
CA ASN A 150 -5.11 21.93 -3.38
C ASN A 150 -5.32 20.55 -2.78
N ILE A 151 -4.78 19.54 -3.46
CA ILE A 151 -4.91 18.17 -3.00
C ILE A 151 -3.60 17.69 -2.39
N HIS A 152 -3.67 17.17 -1.17
CA HIS A 152 -2.48 16.71 -0.44
C HIS A 152 -2.61 15.28 0.05
N TRP A 153 -1.62 14.47 -0.31
CA TRP A 153 -1.43 13.16 0.26
C TRP A 153 -0.25 13.25 1.22
N PRO A 154 -0.52 13.28 2.53
CA PRO A 154 0.51 13.47 3.56
C PRO A 154 1.56 12.38 3.55
N ILE A 155 1.26 11.25 2.91
CA ILE A 155 2.22 10.18 2.84
C ILE A 155 2.41 9.69 1.41
N ARG A 156 3.66 9.54 1.02
CA ARG A 156 4.03 9.06 -0.31
C ARG A 156 5.13 8.03 -0.15
N ARG A 157 5.01 6.91 -0.85
CA ARG A 157 6.03 5.88 -0.78
C ARG A 157 6.38 5.55 0.67
N GLY A 158 5.36 5.58 1.53
CA GLY A 158 5.48 5.15 2.91
C GLY A 158 6.26 6.08 3.81
N GLN A 159 6.58 7.28 3.32
CA GLN A 159 7.20 8.25 4.21
CA GLN A 159 7.28 8.28 4.11
C GLN A 159 6.46 9.58 4.14
N LEU A 160 6.73 10.46 5.11
CA LEU A 160 6.01 11.74 5.14
C LEU A 160 6.22 12.49 3.85
N ASN A 161 5.15 13.03 3.29
CA ASN A 161 5.29 13.61 1.96
C ASN A 161 5.79 15.04 2.01
N ILE A 162 7.10 15.18 2.16
CA ILE A 162 7.75 16.48 2.21
C ILE A 162 8.28 16.89 0.83
N HIS A 163 7.99 18.13 0.45
CA HIS A 163 8.31 18.59 -0.90
C HIS A 163 8.19 20.11 -0.97
N PRO A 164 8.79 20.71 -1.99
CA PRO A 164 8.75 22.17 -2.10
C PRO A 164 7.33 22.64 -2.30
N GLY A 165 6.97 23.79 -1.76
CA GLY A 165 5.64 24.33 -2.00
C GLY A 165 4.63 24.09 -0.90
N PRO A 166 3.38 24.44 -1.18
CA PRO A 166 2.26 24.44 -0.23
C PRO A 166 1.98 23.03 0.29
N GLY A 167 1.96 22.88 1.61
CA GLY A 167 1.58 21.61 2.19
C GLY A 167 2.74 20.65 2.29
N GLY A 168 3.91 21.10 1.83
CA GLY A 168 5.08 20.24 1.74
C GLY A 168 6.07 20.32 2.88
N SER A 169 5.92 21.31 3.76
CA SER A 169 6.77 21.37 4.93
C SER A 169 6.41 20.28 5.93
N LEU A 170 7.32 19.98 6.84
CA LEU A 170 6.99 19.05 7.91
C LEU A 170 5.77 19.53 8.71
N THR A 171 5.68 20.82 9.00
CA THR A 171 4.57 21.29 9.82
C THR A 171 3.24 21.18 9.11
N ALA A 172 3.25 21.41 7.81
CA ALA A 172 2.02 21.34 7.05
C ALA A 172 1.56 19.90 7.00
N VAL A 173 2.51 18.98 6.82
CA VAL A 173 2.18 17.57 6.71
C VAL A 173 1.54 17.10 8.02
N LEU A 174 2.12 17.52 9.13
CA LEU A 174 1.63 17.10 10.44
C LEU A 174 0.24 17.67 10.71
N ALA A 175 -0.01 18.89 10.25
CA ALA A 175 -1.32 19.48 10.46
C ALA A 175 -2.37 18.76 9.64
N ASP A 176 -1.97 18.33 8.44
CA ASP A 176 -2.84 17.57 7.56
C ASP A 176 -3.13 16.19 8.13
N ILE A 177 -2.11 15.53 8.68
CA ILE A 177 -2.32 14.25 9.36
C ILE A 177 -3.33 14.42 10.47
N GLU A 178 -3.12 15.43 11.30
CA GLU A 178 -4.00 15.63 12.44
C GLU A 178 -5.44 15.87 11.99
N VAL A 179 -5.61 16.73 11.02
CA VAL A 179 -6.94 16.96 10.50
C VAL A 179 -7.57 15.67 9.94
N ILE A 180 -6.80 14.94 9.13
CA ILE A 180 -7.32 13.69 8.58
C ILE A 180 -7.65 12.68 9.67
N TRP A 181 -6.73 12.46 10.60
CA TRP A 181 -6.97 11.49 11.67
C TRP A 181 -8.09 11.91 12.60
N SER A 182 -8.14 13.18 12.94
CA SER A 182 -9.19 13.66 13.83
C SER A 182 -10.56 13.52 13.19
N HIS A 183 -10.68 13.93 11.93
CA HIS A 183 -11.92 13.78 11.18
C HIS A 183 -12.42 12.33 11.20
N ALA A 184 -11.51 11.36 11.06
CA ALA A 184 -11.92 9.96 10.96
C ALA A 184 -12.45 9.46 12.29
N ILE A 185 -11.80 9.88 13.37
CA ILE A 185 -12.27 9.54 14.71
C ILE A 185 -13.66 10.10 15.04
N GLN A 186 -13.94 11.36 14.71
CA GLN A 186 -15.26 11.91 15.01
C GLN A 186 -16.33 11.30 14.11
N LYS A 187 -15.98 11.11 12.84
CA LYS A 187 -16.97 10.74 11.83
C LYS A 187 -17.25 9.25 11.71
N TYR A 188 -16.23 8.42 11.84
CA TYR A 188 -16.42 6.99 11.61
C TYR A 188 -16.42 6.19 12.90
N LEU A 189 -15.61 6.62 13.86
CA LEU A 189 -15.59 5.95 15.14
C LEU A 189 -16.62 6.64 16.01
N GLU A 190 -17.11 7.78 15.54
CA GLU A 190 -18.07 8.56 16.29
C GLU A 190 -17.59 8.82 17.71
N ILE A 191 -16.36 9.30 17.83
CA ILE A 191 -15.79 9.64 19.12
C ILE A 191 -15.45 11.12 19.12
N PRO A 192 -16.14 11.90 19.97
CA PRO A 192 -15.88 13.33 20.09
C PRO A 192 -14.44 13.56 20.52
N LEU A 193 -13.81 14.57 19.94
CA LEU A 193 -12.39 14.81 20.14
C LEU A 193 -12.06 15.14 21.59
N LYS A 194 -12.96 15.87 22.24
CA LYS A 194 -12.77 16.23 23.63
C LYS A 194 -12.66 15.00 24.53
N ASP A 195 -13.06 13.83 24.02
CA ASP A 195 -13.03 12.59 24.80
C ASP A 195 -11.76 11.78 24.70
N LEU A 196 -10.83 12.20 23.85
CA LEU A 196 -9.65 11.36 23.61
C LEU A 196 -8.83 11.13 24.87
N LYS A 197 -9.03 11.99 25.87
CA LYS A 197 -8.34 11.83 27.16
C LYS A 197 -8.63 10.49 27.82
N TYR A 198 -9.76 9.87 27.47
CA TYR A 198 -10.10 8.55 28.01
C TYR A 198 -9.58 7.43 27.13
N TYR A 199 -8.92 7.79 26.03
CA TYR A 199 -8.41 6.77 25.11
C TYR A 199 -6.90 6.67 25.08
N ARG A 200 -6.44 5.50 24.67
CA ARG A 200 -5.05 5.27 24.36
C ARG A 200 -4.95 4.87 22.89
N CYS A 201 -3.73 4.93 22.38
CA CYS A 201 -3.48 4.73 20.97
C CYS A 201 -2.39 3.71 20.66
N ILE A 202 -2.66 2.82 19.72
CA ILE A 202 -1.59 2.02 19.15
C ILE A 202 -1.28 2.52 17.75
N LEU A 203 -0.07 3.04 17.58
CA LEU A 203 0.39 3.54 16.30
C LEU A 203 1.34 2.58 15.59
N LEU A 204 0.92 2.10 14.42
CA LEU A 204 1.79 1.25 13.61
C LEU A 204 2.70 2.12 12.77
N ILE A 205 3.96 1.76 12.70
CA ILE A 205 4.93 2.52 11.92
C ILE A 205 5.68 1.59 10.97
N PRO A 206 6.29 2.18 9.94
CA PRO A 206 7.04 1.38 8.97
C PRO A 206 8.14 0.58 9.65
N ASP A 207 8.50 -0.53 9.03
CA ASP A 207 9.60 -1.37 9.50
C ASP A 207 10.92 -0.59 9.58
N ILE A 208 11.28 0.05 8.48
CA ILE A 208 12.34 1.07 8.45
C ILE A 208 11.65 2.43 8.63
N TYR A 209 11.85 3.06 9.77
CA TYR A 209 11.11 4.28 10.13
C TYR A 209 12.04 5.46 10.25
N ASN A 210 11.48 6.66 10.25
CA ASN A 210 12.26 7.85 10.46
C ASN A 210 12.06 8.36 11.87
N LYS A 211 13.12 8.31 12.69
CA LYS A 211 13.01 8.66 14.11
C LYS A 211 12.37 10.02 14.33
N GLN A 212 12.88 11.03 13.63
CA GLN A 212 12.35 12.37 13.80
C GLN A 212 10.84 12.44 13.57
N HIS A 213 10.40 11.79 12.50
CA HIS A 213 9.01 11.83 12.09
C HIS A 213 8.08 11.09 13.02
N VAL A 214 8.54 9.92 13.45
CA VAL A 214 7.82 9.15 14.46
C VAL A 214 7.68 10.00 15.73
N LYS A 215 8.80 10.56 16.18
CA LYS A 215 8.81 11.47 17.31
C LYS A 215 7.68 12.49 17.17
N GLU A 216 7.65 13.18 16.04
CA GLU A 216 6.64 14.19 15.76
C GLU A 216 5.20 13.67 15.84
N LEU A 217 5.00 12.45 15.38
CA LEU A 217 3.67 11.86 15.31
C LEU A 217 3.20 11.54 16.73
N VAL A 218 4.07 10.88 17.47
CA VAL A 218 3.84 10.64 18.87
C VAL A 218 3.50 11.95 19.57
N ASN A 219 4.27 12.98 19.29
CA ASN A 219 3.98 14.26 19.91
C ASN A 219 2.59 14.72 19.53
N MET A 220 2.23 14.51 18.27
CA MET A 220 0.93 14.91 17.78
C MET A 220 -0.16 14.13 18.51
N ILE A 221 -0.02 12.81 18.56
CA ILE A 221 -1.02 11.96 19.23
C ILE A 221 -1.27 12.39 20.69
N LEU A 222 -0.19 12.52 21.45
CA LEU A 222 -0.28 12.80 22.88
C LEU A 222 -0.62 14.26 23.18
N MET A 223 0.15 15.17 22.60
CA MET A 223 0.03 16.59 22.92
C MET A 223 -1.05 17.34 22.15
N LYS A 224 -1.15 17.10 20.85
CA LYS A 224 -2.08 17.87 20.02
C LYS A 224 -3.48 17.27 19.99
N MET A 225 -3.57 15.94 19.94
CA MET A 225 -4.87 15.30 19.79
C MET A 225 -5.49 14.93 21.13
N GLY A 226 -4.65 14.62 22.12
CA GLY A 226 -5.14 14.46 23.48
C GLY A 226 -5.32 13.04 24.00
N PHE A 227 -4.75 12.06 23.32
CA PHE A 227 -4.69 10.71 23.85
C PHE A 227 -3.89 10.74 25.12
N SER A 228 -4.16 9.82 26.04
CA SER A 228 -3.49 9.85 27.33
C SER A 228 -2.23 9.01 27.28
N GLY A 229 -2.24 8.02 26.40
CA GLY A 229 -1.06 7.19 26.22
C GLY A 229 -1.01 6.59 24.83
N ILE A 230 0.14 6.03 24.48
CA ILE A 230 0.36 5.50 23.16
C ILE A 230 1.34 4.35 23.22
N VAL A 231 1.21 3.45 22.26
CA VAL A 231 2.22 2.44 22.02
C VAL A 231 2.57 2.46 20.54
N VAL A 232 3.86 2.56 20.25
CA VAL A 232 4.29 2.53 18.87
C VAL A 232 4.86 1.17 18.55
N HIS A 233 4.52 0.62 17.40
CA HIS A 233 5.13 -0.63 16.97
C HIS A 233 5.27 -0.68 15.45
N GLN A 234 6.15 -1.54 14.98
CA GLN A 234 6.38 -1.68 13.55
C GLN A 234 5.28 -2.49 12.90
N GLU A 235 4.90 -2.08 11.69
CA GLU A 235 3.78 -2.71 11.01
C GLU A 235 4.15 -4.16 10.67
N SER A 236 5.44 -4.43 10.50
CA SER A 236 5.89 -5.78 10.17
C SER A 236 5.66 -6.77 11.32
N VAL A 237 6.02 -6.36 12.54
CA VAL A 237 5.81 -7.23 13.68
C VAL A 237 4.32 -7.43 13.90
N CYS A 238 3.56 -6.33 13.78
CA CYS A 238 2.12 -6.40 13.92
C CYS A 238 1.50 -7.40 12.94
N ALA A 239 1.98 -7.37 11.71
CA ALA A 239 1.52 -8.33 10.72
C ALA A 239 1.67 -9.76 11.23
N THR A 240 2.80 -10.08 11.87
CA THR A 240 3.04 -11.42 12.39
C THR A 240 2.01 -11.78 13.48
N TYR A 241 1.70 -10.82 14.35
CA TYR A 241 0.67 -10.97 15.37
C TYR A 241 -0.70 -11.24 14.78
N GLY A 242 -1.07 -10.46 13.78
CA GLY A 242 -2.41 -10.58 13.19
C GLY A 242 -2.59 -11.91 12.47
N SER A 243 -1.50 -12.51 12.05
CA SER A 243 -1.57 -13.71 11.24
C SER A 243 -1.32 -14.96 12.07
N GLY A 244 -0.65 -14.80 13.21
CA GLY A 244 -0.37 -15.90 14.10
C GLY A 244 0.93 -16.63 13.80
N LEU A 245 1.76 -16.03 12.96
CA LEU A 245 3.07 -16.59 12.64
C LEU A 245 4.17 -15.94 13.46
N SER A 246 4.59 -16.61 14.52
CA SER A 246 5.61 -16.03 15.39
C SER A 246 6.92 -15.74 14.65
N SER A 247 7.33 -16.68 13.79
CA SER A 247 8.54 -16.50 12.97
C SER A 247 8.19 -16.61 11.50
N THR A 248 8.66 -15.66 10.70
CA THR A 248 8.28 -15.63 9.30
C THR A 248 8.95 -14.49 8.59
N CYS A 249 9.18 -14.66 7.29
CA CYS A 249 9.54 -13.54 6.45
C CYS A 249 8.24 -12.80 6.06
N ILE A 250 8.21 -11.49 6.31
CA ILE A 250 7.04 -10.68 6.00
C ILE A 250 7.29 -9.79 4.81
N VAL A 251 6.32 -9.75 3.90
CA VAL A 251 6.38 -8.85 2.76
C VAL A 251 5.12 -8.02 2.75
N ASP A 252 5.26 -6.71 2.87
CA ASP A 252 4.08 -5.86 2.79
C ASP A 252 4.12 -5.11 1.47
N VAL A 253 3.29 -5.53 0.52
CA VAL A 253 3.18 -4.80 -0.73
C VAL A 253 2.02 -3.82 -0.64
N GLY A 254 2.35 -2.54 -0.59
CA GLY A 254 1.32 -1.52 -0.49
C GLY A 254 1.07 -0.89 -1.83
N ASP A 255 0.49 0.30 -1.80
CA ASP A 255 0.21 0.98 -3.03
C ASP A 255 1.49 1.60 -3.59
N GLN A 256 2.41 1.96 -2.70
CA GLN A 256 3.61 2.68 -3.15
C GLN A 256 4.93 2.17 -2.62
N LYS A 257 4.92 1.43 -1.52
CA LYS A 257 6.15 0.91 -0.97
C LYS A 257 6.01 -0.56 -0.74
N THR A 258 7.12 -1.27 -0.84
CA THR A 258 7.16 -2.70 -0.53
C THR A 258 8.19 -2.98 0.54
N SER A 259 7.78 -3.58 1.66
CA SER A 259 8.69 -3.92 2.74
C SER A 259 8.97 -5.40 2.72
N VAL A 260 10.23 -5.73 2.96
CA VAL A 260 10.63 -7.10 3.24
C VAL A 260 11.41 -7.14 4.55
N CYS A 261 11.21 -8.18 5.34
CA CYS A 261 12.04 -8.37 6.52
C CYS A 261 11.76 -9.71 7.17
N CYS A 262 12.67 -10.14 8.03
CA CYS A 262 12.49 -11.38 8.75
C CYS A 262 12.17 -11.11 10.20
N VAL A 263 11.08 -11.71 10.67
CA VAL A 263 10.62 -11.46 12.02
C VAL A 263 10.63 -12.75 12.78
N GLU A 264 11.20 -12.69 13.98
CA GLU A 264 11.34 -13.85 14.85
C GLU A 264 10.87 -13.47 16.25
N ASP A 265 9.67 -13.90 16.60
CA ASP A 265 9.09 -13.65 17.93
C ASP A 265 9.05 -12.18 18.30
N GLY A 266 8.35 -11.37 17.50
CA GLY A 266 8.17 -9.96 17.82
C GLY A 266 9.39 -9.11 17.50
N VAL A 267 10.36 -9.69 16.81
CA VAL A 267 11.54 -8.92 16.48
C VAL A 267 11.85 -8.92 15.00
N SER A 268 11.85 -7.72 14.42
CA SER A 268 12.30 -7.55 13.05
C SER A 268 13.81 -7.43 13.05
N HIS A 269 14.48 -8.34 12.35
CA HIS A 269 15.94 -8.31 12.32
C HIS A 269 16.46 -7.22 11.39
N ARG A 270 17.02 -6.17 11.96
CA ARG A 270 17.53 -5.03 11.19
C ARG A 270 18.25 -5.41 9.91
N ASN A 271 19.17 -6.37 10.02
CA ASN A 271 19.99 -6.77 8.88
C ASN A 271 19.19 -7.36 7.73
N THR A 272 17.92 -7.68 8.00
CA THR A 272 17.09 -8.34 7.01
C THR A 272 16.08 -7.35 6.39
N ARG A 273 16.04 -6.14 6.92
CA ARG A 273 15.10 -5.12 6.48
C ARG A 273 15.42 -4.52 5.10
N LEU A 274 14.42 -4.53 4.21
CA LEU A 274 14.50 -3.86 2.92
C LEU A 274 13.24 -3.08 2.67
N CYS A 275 13.38 -1.88 2.15
CA CYS A 275 12.23 -1.19 1.63
C CYS A 275 12.44 -0.80 0.17
N LEU A 276 11.48 -1.21 -0.66
CA LEU A 276 11.55 -0.94 -2.09
C LEU A 276 10.52 0.12 -2.41
N ALA A 277 10.93 1.09 -3.22
CA ALA A 277 10.07 2.21 -3.59
C ALA A 277 9.14 1.95 -4.76
N TYR A 278 8.37 0.87 -4.69
CA TYR A 278 7.32 0.65 -5.68
C TYR A 278 6.28 -0.25 -5.08
N GLY A 279 5.07 -0.22 -5.65
CA GLY A 279 3.95 -1.03 -5.18
C GLY A 279 2.80 -1.05 -6.17
N GLY A 280 1.59 -1.26 -5.67
CA GLY A 280 0.43 -1.38 -6.54
C GLY A 280 0.26 -0.28 -7.57
N SER A 281 0.63 0.94 -7.22
CA SER A 281 0.34 2.09 -8.07
C SER A 281 1.20 2.00 -9.32
N ASP A 282 2.46 1.65 -9.14
CA ASP A 282 3.37 1.42 -10.27
C ASP A 282 2.86 0.36 -11.24
N VAL A 283 2.32 -0.73 -10.70
CA VAL A 283 1.63 -1.70 -11.53
C VAL A 283 0.45 -1.09 -12.28
N SER A 284 -0.32 -0.25 -11.60
CA SER A 284 -1.47 0.38 -12.23
C SER A 284 -1.02 1.22 -13.41
N ARG A 285 0.08 1.95 -13.28
CA ARG A 285 0.51 2.85 -14.32
C ARG A 285 1.03 2.01 -15.48
N CYS A 286 1.78 0.97 -15.14
CA CYS A 286 2.33 0.06 -16.12
C CYS A 286 1.22 -0.58 -16.96
N PHE A 287 0.24 -1.15 -16.27
CA PHE A 287 -0.94 -1.71 -16.92
C PHE A 287 -1.62 -0.71 -17.86
N TYR A 288 -1.73 0.53 -17.43
CA TYR A 288 -2.25 1.57 -18.29
C TYR A 288 -1.43 1.69 -19.56
N TRP A 289 -0.11 1.77 -19.41
CA TRP A 289 0.78 1.95 -20.56
CA TRP A 289 0.74 1.97 -20.56
C TRP A 289 0.69 0.77 -21.52
N LEU A 290 0.60 -0.43 -20.97
CA LEU A 290 0.43 -1.61 -21.80
C LEU A 290 -0.90 -1.54 -22.54
N MET A 291 -1.97 -1.22 -21.83
CA MET A 291 -3.30 -1.11 -22.45
C MET A 291 -3.37 -0.06 -23.55
N GLN A 292 -2.67 1.06 -23.38
CA GLN A 292 -2.66 2.03 -24.46
C GLN A 292 -2.16 1.38 -25.74
N ARG A 293 -1.06 0.64 -25.64
CA ARG A 293 -0.53 -0.06 -26.80
C ARG A 293 -1.55 -1.03 -27.42
N ALA A 294 -2.45 -1.56 -26.61
CA ALA A 294 -3.50 -2.43 -27.13
C ALA A 294 -4.74 -1.67 -27.62
N GLY A 295 -4.65 -0.34 -27.72
CA GLY A 295 -5.78 0.46 -28.15
C GLY A 295 -6.88 0.72 -27.12
N PHE A 296 -6.48 0.94 -25.87
CA PHE A 296 -7.38 1.28 -24.78
C PHE A 296 -8.42 2.32 -25.19
N PRO A 297 -9.70 1.95 -25.14
CA PRO A 297 -10.73 2.74 -25.81
C PRO A 297 -11.03 4.06 -25.12
N TYR A 298 -10.69 4.20 -23.85
CA TYR A 298 -10.87 5.47 -23.16
C TYR A 298 -9.68 6.40 -23.45
N ARG A 299 -9.77 7.17 -24.49
CA ARG A 299 -8.61 7.81 -25.00
C ARG A 299 -8.28 9.10 -24.32
N GLU A 300 -9.16 9.65 -23.53
CA GLU A 300 -8.85 10.90 -22.90
C GLU A 300 -8.49 10.77 -21.46
N CYS A 301 -8.11 9.58 -21.08
CA CYS A 301 -7.49 9.29 -19.81
C CYS A 301 -6.22 10.05 -19.58
N GLN A 302 -5.99 10.44 -18.36
CA GLN A 302 -4.76 11.11 -17.94
C GLN A 302 -4.34 10.67 -16.55
N LEU A 303 -3.05 10.44 -16.35
CA LEU A 303 -2.53 9.97 -15.07
C LEU A 303 -2.56 11.04 -13.97
N THR A 304 -2.63 12.30 -14.38
CA THR A 304 -2.69 13.43 -13.45
C THR A 304 -4.09 13.63 -12.89
N ASN A 305 -5.04 12.84 -13.37
CA ASN A 305 -6.43 13.03 -13.03
C ASN A 305 -6.94 11.98 -12.00
N LYS A 306 -7.44 12.44 -10.86
CA LYS A 306 -7.84 11.56 -9.77
C LYS A 306 -8.85 10.51 -10.16
N MET A 307 -9.87 10.92 -10.93
CA MET A 307 -10.94 10.01 -11.32
C MET A 307 -10.41 8.89 -12.22
N ASP A 308 -9.57 9.27 -13.19
CA ASP A 308 -8.90 8.34 -14.07
C ASP A 308 -8.03 7.37 -13.27
N CYS A 309 -7.30 7.91 -12.31
CA CYS A 309 -6.44 7.10 -11.48
C CYS A 309 -7.22 6.06 -10.70
N LEU A 310 -8.37 6.44 -10.17
CA LEU A 310 -9.24 5.47 -9.50
C LEU A 310 -9.66 4.38 -10.49
N LEU A 311 -9.93 4.80 -11.72
CA LEU A 311 -10.29 3.89 -12.79
C LEU A 311 -9.19 2.89 -13.09
N LEU A 312 -7.97 3.41 -13.29
CA LEU A 312 -6.82 2.56 -13.56
C LEU A 312 -6.58 1.57 -12.42
N GLN A 313 -6.58 2.06 -11.17
CA GLN A 313 -6.45 1.12 -10.06
C GLN A 313 -7.51 0.05 -10.20
N HIS A 314 -8.72 0.45 -10.53
CA HIS A 314 -9.83 -0.49 -10.55
C HIS A 314 -9.66 -1.53 -11.65
N LEU A 315 -9.27 -1.05 -12.83
CA LEU A 315 -9.03 -1.93 -13.97
C LEU A 315 -7.95 -2.96 -13.66
N LYS A 316 -6.83 -2.50 -13.12
CA LYS A 316 -5.82 -3.43 -12.66
C LYS A 316 -6.39 -4.51 -11.74
N GLU A 317 -7.23 -4.10 -10.78
CA GLU A 317 -7.69 -5.05 -9.78
C GLU A 317 -8.67 -6.04 -10.34
N THR A 318 -9.27 -5.65 -11.47
CA THR A 318 -10.27 -6.49 -12.13
C THR A 318 -9.64 -7.45 -13.13
N PHE A 319 -8.66 -6.96 -13.88
CA PHE A 319 -8.11 -7.72 -15.00
C PHE A 319 -6.77 -8.42 -14.76
N CYS A 320 -5.86 -7.75 -14.07
CA CYS A 320 -4.53 -8.30 -13.85
C CYS A 320 -4.55 -9.61 -13.05
N HIS A 321 -3.66 -10.53 -13.41
CA HIS A 321 -3.58 -11.83 -12.74
C HIS A 321 -2.14 -12.31 -12.82
N LEU A 322 -1.78 -13.27 -11.98
CA LEU A 322 -0.48 -13.95 -12.09
C LEU A 322 -0.65 -15.45 -12.37
N ASP A 323 -1.54 -15.75 -13.31
CA ASP A 323 -1.87 -17.14 -13.63
C ASP A 323 -1.41 -17.50 -15.06
N GLN A 324 -0.38 -18.34 -15.19
CA GLN A 324 0.12 -18.74 -16.52
C GLN A 324 -0.98 -19.28 -17.41
N ASP A 325 -1.96 -19.94 -16.80
CA ASP A 325 -2.94 -20.70 -17.55
C ASP A 325 -4.05 -19.88 -18.18
N ILE A 326 -4.16 -18.62 -17.77
CA ILE A 326 -5.05 -17.67 -18.41
C ILE A 326 -4.28 -17.02 -19.55
N SER A 327 -4.66 -17.34 -20.78
CA SER A 327 -3.89 -16.87 -21.92
C SER A 327 -4.77 -16.58 -23.10
N GLY A 328 -4.18 -16.02 -24.15
CA GLY A 328 -4.93 -15.64 -25.34
C GLY A 328 -5.53 -14.25 -25.25
N LEU A 329 -6.25 -13.86 -26.29
CA LEU A 329 -7.00 -12.62 -26.27
C LEU A 329 -8.37 -12.91 -25.64
N GLN A 330 -8.79 -12.07 -24.69
CA GLN A 330 -10.09 -12.23 -24.05
C GLN A 330 -10.94 -10.99 -24.27
N ASP A 331 -12.23 -11.20 -24.35
CA ASP A 331 -13.15 -10.08 -24.45
C ASP A 331 -13.59 -9.65 -23.07
N HIS A 332 -13.38 -8.38 -22.77
CA HIS A 332 -13.71 -7.79 -21.48
C HIS A 332 -14.59 -6.55 -21.63
N GLU A 333 -15.24 -6.15 -20.55
CA GLU A 333 -15.91 -4.87 -20.57
C GLU A 333 -15.72 -4.19 -19.24
N PHE A 334 -15.75 -2.87 -19.27
CA PHE A 334 -15.67 -2.12 -18.02
C PHE A 334 -16.54 -0.88 -18.11
N GLN A 335 -16.90 -0.35 -16.94
CA GLN A 335 -17.70 0.87 -16.85
C GLN A 335 -16.89 2.11 -16.53
N ILE A 336 -17.39 3.27 -16.93
CA ILE A 336 -16.93 4.50 -16.34
C ILE A 336 -18.14 5.29 -15.85
N ARG A 337 -18.13 5.67 -14.58
CA ARG A 337 -19.19 6.47 -14.00
C ARG A 337 -18.59 7.69 -13.32
N HIS A 338 -18.00 8.57 -14.12
CA HIS A 338 -17.43 9.79 -13.58
C HIS A 338 -18.44 10.90 -13.43
N PRO A 339 -18.20 11.80 -12.49
CA PRO A 339 -19.08 12.97 -12.45
C PRO A 339 -18.98 13.74 -13.78
N ASP A 340 -20.04 14.44 -14.18
CA ASP A 340 -19.99 15.27 -15.38
C ASP A 340 -19.94 14.44 -16.67
N SER A 341 -20.26 13.17 -16.54
CA SER A 341 -20.36 12.29 -17.70
C SER A 341 -21.47 11.25 -17.51
N PRO A 342 -21.81 10.55 -18.59
CA PRO A 342 -22.82 9.48 -18.56
C PRO A 342 -22.28 8.22 -17.94
N ALA A 343 -23.14 7.28 -17.56
CA ALA A 343 -22.66 5.95 -17.18
C ALA A 343 -22.30 5.21 -18.46
N LEU A 344 -21.00 4.98 -18.66
CA LEU A 344 -20.48 4.37 -19.88
C LEU A 344 -20.05 2.93 -19.70
N LEU A 345 -20.29 2.14 -20.74
CA LEU A 345 -19.84 0.75 -20.77
C LEU A 345 -18.97 0.50 -22.00
N TYR A 346 -17.76 0.01 -21.76
CA TYR A 346 -16.77 -0.24 -22.81
C TYR A 346 -16.49 -1.73 -23.04
N GLN A 347 -16.53 -2.15 -24.30
CA GLN A 347 -15.98 -3.44 -24.69
C GLN A 347 -14.50 -3.29 -25.00
N PHE A 348 -13.69 -4.23 -24.55
CA PHE A 348 -12.41 -4.36 -25.23
C PHE A 348 -11.65 -5.64 -24.98
N ARG A 349 -10.66 -5.84 -25.83
CA ARG A 349 -9.97 -7.12 -25.89
C ARG A 349 -8.57 -7.01 -25.27
N LEU A 350 -8.26 -7.90 -24.33
CA LEU A 350 -6.96 -7.90 -23.68
C LEU A 350 -6.24 -9.22 -23.76
N GLY A 351 -4.92 -9.13 -23.89
CA GLY A 351 -4.08 -10.31 -23.88
C GLY A 351 -3.13 -10.41 -22.70
N ASP A 352 -1.84 -10.31 -23.01
CA ASP A 352 -0.83 -10.66 -22.04
C ASP A 352 -0.56 -9.51 -21.07
N GLU A 353 -0.88 -8.30 -21.52
CA GLU A 353 -0.85 -7.16 -20.62
C GLU A 353 -1.41 -7.49 -19.22
N LYS A 354 -2.44 -8.32 -19.15
CA LYS A 354 -3.03 -8.68 -17.86
C LYS A 354 -2.07 -9.41 -16.95
N LEU A 355 -1.08 -10.07 -17.54
CA LEU A 355 -0.07 -10.82 -16.78
C LEU A 355 1.28 -10.11 -16.73
N GLN A 356 1.65 -9.43 -17.81
CA GLN A 356 2.87 -8.66 -17.83
C GLN A 356 2.96 -7.64 -16.70
N ALA A 357 1.90 -6.85 -16.54
CA ALA A 357 1.93 -5.72 -15.61
C ALA A 357 2.23 -6.12 -14.15
N PRO A 358 1.49 -7.10 -13.62
CA PRO A 358 1.74 -7.55 -12.24
C PRO A 358 3.14 -8.12 -12.08
N MET A 359 3.66 -8.73 -13.14
CA MET A 359 5.00 -9.30 -13.11
C MET A 359 6.10 -8.26 -13.14
N ALA A 360 5.77 -7.00 -13.38
CA ALA A 360 6.79 -5.96 -13.29
C ALA A 360 7.24 -5.81 -11.84
N LEU A 361 6.44 -6.31 -10.90
CA LEU A 361 6.86 -6.36 -9.50
C LEU A 361 8.12 -7.22 -9.32
N PHE A 362 8.33 -8.15 -10.25
CA PHE A 362 9.50 -9.00 -10.19
C PHE A 362 10.61 -8.52 -11.14
N TYR A 363 10.23 -7.66 -12.07
CA TYR A 363 11.17 -7.00 -12.99
C TYR A 363 10.94 -5.50 -13.03
N PRO A 364 11.14 -4.83 -11.88
CA PRO A 364 10.79 -3.43 -11.69
C PRO A 364 11.53 -2.43 -12.60
N ALA A 365 12.52 -2.87 -13.36
CA ALA A 365 13.12 -1.97 -14.33
C ALA A 365 12.04 -1.59 -15.35
N THR A 366 11.03 -2.44 -15.45
CA THR A 366 9.94 -2.26 -16.39
C THR A 366 9.22 -0.94 -16.15
N PHE A 367 9.26 -0.48 -14.91
CA PHE A 367 8.63 0.78 -14.52
C PHE A 367 9.27 1.99 -15.17
N GLY A 368 10.50 1.82 -15.65
CA GLY A 368 11.23 2.87 -16.32
C GLY A 368 11.59 4.05 -15.43
N ILE A 369 11.77 3.79 -14.13
CA ILE A 369 12.13 4.85 -13.20
C ILE A 369 13.63 5.03 -13.19
N VAL A 370 14.08 6.25 -13.47
CA VAL A 370 15.51 6.52 -13.62
C VAL A 370 15.97 7.63 -12.70
N GLY A 371 17.07 7.37 -12.00
CA GLY A 371 17.70 8.38 -11.18
C GLY A 371 17.14 8.54 -9.78
N GLN A 372 16.48 7.52 -9.26
CA GLN A 372 15.91 7.60 -7.92
C GLN A 372 16.44 6.50 -7.03
N LYS A 373 16.47 6.78 -5.74
CA LYS A 373 16.76 5.76 -4.74
C LYS A 373 15.57 4.81 -4.75
N MET A 374 15.82 3.54 -5.03
CA MET A 374 14.76 2.55 -5.22
C MET A 374 14.72 1.53 -4.10
N THR A 375 15.87 1.32 -3.48
CA THR A 375 16.02 0.34 -2.43
C THR A 375 16.62 1.01 -1.20
N THR A 376 16.19 0.56 -0.03
CA THR A 376 16.61 1.15 1.21
C THR A 376 16.89 0.07 2.22
N LEU A 377 18.02 0.18 2.90
CA LEU A 377 18.37 -0.71 3.99
C LEU A 377 18.29 0.05 5.30
N GLN A 378 18.36 -0.66 6.43
CA GLN A 378 18.34 0.07 7.69
C GLN A 378 19.74 0.50 8.08
N HIS A 379 19.85 1.71 8.61
CA HIS A 379 21.12 2.23 9.11
C HIS A 379 22.01 1.10 9.68
N SER A 471 24.78 4.93 -3.63
CA SER A 471 25.14 3.52 -3.74
C SER A 471 24.52 2.89 -4.98
N LEU A 472 25.20 1.88 -5.52
CA LEU A 472 24.77 1.23 -6.74
C LEU A 472 23.58 0.31 -6.47
N PHE A 473 23.61 -0.31 -5.29
CA PHE A 473 22.56 -1.23 -4.90
C PHE A 473 21.23 -0.52 -4.66
N GLU A 474 21.29 0.76 -4.27
CA GLU A 474 20.07 1.53 -4.00
C GLU A 474 19.40 2.10 -5.26
N GLY A 475 20.20 2.64 -6.18
CA GLY A 475 19.68 3.23 -7.41
C GLY A 475 19.05 2.23 -8.38
N LYS A 476 19.38 0.96 -8.20
CA LYS A 476 18.77 -0.11 -8.98
C LYS A 476 17.60 -0.75 -8.25
N ALA A 477 16.52 -0.97 -8.97
CA ALA A 477 15.33 -1.53 -8.36
C ALA A 477 15.45 -3.04 -8.36
N LEU A 478 15.03 -3.61 -7.24
CA LEU A 478 15.22 -5.01 -6.93
C LEU A 478 13.87 -5.71 -6.97
N GLY A 479 13.78 -6.78 -7.75
CA GLY A 479 12.53 -7.52 -7.85
C GLY A 479 12.10 -8.11 -6.53
N LEU A 480 10.80 -8.31 -6.39
CA LEU A 480 10.23 -8.76 -5.13
C LEU A 480 10.86 -10.07 -4.62
N ASP A 481 11.00 -11.06 -5.50
CA ASP A 481 11.58 -12.36 -5.12
C ASP A 481 13.05 -12.30 -4.72
N LYS A 482 13.86 -11.57 -5.49
CA LYS A 482 15.25 -11.32 -5.15
C LYS A 482 15.39 -10.65 -3.78
N ALA A 483 14.51 -9.70 -3.49
CA ALA A 483 14.51 -9.00 -2.21
C ALA A 483 14.18 -9.96 -1.07
N ILE A 484 13.17 -10.80 -1.26
CA ILE A 484 12.85 -11.77 -0.24
C ILE A 484 14.04 -12.65 0.04
N LEU A 485 14.64 -13.18 -1.01
CA LEU A 485 15.81 -14.05 -0.87
C LEU A 485 16.95 -13.32 -0.19
N HIS A 486 17.32 -12.17 -0.73
CA HIS A 486 18.39 -11.37 -0.16
C HIS A 486 18.18 -11.10 1.33
N SER A 487 16.96 -10.76 1.69
CA SER A 487 16.61 -10.49 3.08
C SER A 487 16.87 -11.70 3.97
N ILE A 488 16.36 -12.86 3.56
CA ILE A 488 16.51 -14.08 4.32
C ILE A 488 17.97 -14.47 4.43
N ASP A 489 18.71 -14.16 3.37
CA ASP A 489 20.14 -14.47 3.33
C ASP A 489 20.93 -13.63 4.32
N CYS A 490 20.32 -12.56 4.80
CA CYS A 490 20.97 -11.67 5.76
C CYS A 490 20.72 -12.09 7.20
N CYS A 491 19.98 -13.16 7.41
CA CYS A 491 19.96 -13.81 8.72
C CYS A 491 21.32 -14.41 9.07
N SER A 492 21.78 -14.18 10.30
CA SER A 492 23.01 -14.82 10.80
C SER A 492 22.96 -16.34 10.99
N SER A 493 21.90 -16.82 11.62
CA SER A 493 21.80 -18.23 11.99
C SER A 493 21.31 -19.01 10.79
N ASP A 494 21.49 -20.31 10.77
CA ASP A 494 20.91 -21.02 9.63
C ASP A 494 19.60 -21.66 10.02
N ASP A 495 19.36 -21.77 11.31
CA ASP A 495 18.08 -22.27 11.79
C ASP A 495 17.03 -21.22 11.54
N THR A 496 17.41 -19.96 11.76
CA THR A 496 16.55 -18.84 11.41
C THR A 496 16.16 -18.98 9.94
N LYS A 497 17.17 -19.07 9.05
CA LYS A 497 16.90 -19.15 7.62
C LYS A 497 15.97 -20.30 7.29
N LYS A 498 16.19 -21.46 7.89
CA LYS A 498 15.29 -22.57 7.63
C LYS A 498 13.87 -22.09 7.88
N LYS A 499 13.67 -21.44 9.03
CA LYS A 499 12.35 -20.96 9.42
C LYS A 499 11.79 -19.96 8.43
N MET A 500 12.64 -19.05 7.96
CA MET A 500 12.23 -18.00 7.02
C MET A 500 11.85 -18.53 5.64
N TYR A 501 12.71 -19.36 5.03
CA TYR A 501 12.37 -19.94 3.73
C TYR A 501 11.09 -20.72 3.83
N SER A 502 10.85 -21.30 4.97
CA SER A 502 9.77 -22.20 5.13
C SER A 502 8.47 -21.45 5.30
N SER A 503 8.55 -20.18 5.61
CA SER A 503 7.37 -19.36 5.85
C SER A 503 7.53 -17.93 5.34
N ILE A 504 6.88 -17.63 4.21
CA ILE A 504 6.85 -16.27 3.69
C ILE A 504 5.42 -15.71 3.68
N LEU A 505 5.19 -14.72 4.54
CA LEU A 505 3.88 -14.12 4.65
C LEU A 505 3.77 -12.89 3.76
N VAL A 506 2.72 -12.84 2.96
CA VAL A 506 2.52 -11.67 2.11
C VAL A 506 1.29 -10.86 2.46
N VAL A 507 1.53 -9.60 2.74
CA VAL A 507 0.53 -8.74 3.34
C VAL A 507 0.31 -7.43 2.52
N GLY A 508 -0.78 -6.72 2.81
CA GLY A 508 -1.12 -5.52 2.08
C GLY A 508 -1.84 -5.78 0.76
N GLY A 509 -2.24 -4.73 0.06
CA GLY A 509 -3.10 -4.89 -1.10
C GLY A 509 -2.35 -5.13 -2.39
N GLY A 510 -1.10 -4.70 -2.43
CA GLY A 510 -0.34 -4.62 -3.66
C GLY A 510 -0.20 -5.92 -4.43
N LEU A 511 -0.23 -7.05 -3.74
CA LEU A 511 -0.05 -8.33 -4.43
C LEU A 511 -1.31 -9.17 -4.37
N MET A 512 -2.46 -8.53 -4.42
CA MET A 512 -3.72 -9.24 -4.33
C MET A 512 -4.24 -9.82 -5.65
N PHE A 513 -3.31 -10.24 -6.50
CA PHE A 513 -3.67 -10.83 -7.78
C PHE A 513 -3.96 -12.33 -7.70
N HIS A 514 -4.86 -12.76 -8.56
CA HIS A 514 -5.23 -14.15 -8.67
C HIS A 514 -3.98 -15.00 -8.97
N LYS A 515 -3.80 -16.07 -8.20
CA LYS A 515 -2.65 -16.99 -8.31
C LYS A 515 -1.34 -16.42 -7.79
N ALA A 516 -1.41 -15.30 -7.08
CA ALA A 516 -0.18 -14.67 -6.64
C ALA A 516 0.61 -15.61 -5.71
N GLN A 517 -0.07 -16.27 -4.78
CA GLN A 517 0.59 -17.16 -3.83
C GLN A 517 1.43 -18.25 -4.52
N GLU A 518 0.77 -19.03 -5.35
CA GLU A 518 1.42 -20.04 -6.19
C GLU A 518 2.54 -19.43 -7.00
N PHE A 519 2.25 -18.36 -7.72
CA PHE A 519 3.24 -17.77 -8.62
C PHE A 519 4.54 -17.48 -7.91
N LEU A 520 4.41 -16.90 -6.74
CA LEU A 520 5.56 -16.47 -5.97
C LEU A 520 6.26 -17.65 -5.31
N GLN A 521 5.49 -18.61 -4.83
CA GLN A 521 6.04 -19.81 -4.21
C GLN A 521 6.89 -20.55 -5.23
N HIS A 522 6.42 -20.57 -6.47
CA HIS A 522 7.15 -21.21 -7.55
C HIS A 522 8.51 -20.56 -7.78
N ARG A 523 8.55 -19.23 -7.82
CA ARG A 523 9.81 -18.53 -8.08
C ARG A 523 10.74 -18.76 -6.94
N ILE A 524 10.22 -18.71 -5.72
CA ILE A 524 11.08 -18.87 -4.55
C ILE A 524 11.80 -20.23 -4.59
N LEU A 525 11.07 -21.31 -4.85
CA LEU A 525 11.68 -22.62 -4.99
C LEU A 525 12.84 -22.61 -5.95
N ASN A 526 12.57 -22.19 -7.18
CA ASN A 526 13.60 -22.21 -8.22
C ASN A 526 14.77 -21.29 -7.95
N LYS A 527 14.50 -20.14 -7.34
CA LYS A 527 15.50 -19.09 -7.14
C LYS A 527 16.30 -19.28 -5.85
N MET A 528 15.72 -19.93 -4.85
CA MET A 528 16.39 -20.04 -3.55
C MET A 528 17.62 -20.94 -3.66
N PRO A 529 18.51 -20.86 -2.65
CA PRO A 529 19.74 -21.67 -2.56
C PRO A 529 19.37 -23.15 -2.45
N PRO A 530 19.90 -23.97 -3.37
CA PRO A 530 19.44 -25.35 -3.55
C PRO A 530 19.78 -26.21 -2.35
N SER A 531 20.85 -25.84 -1.65
CA SER A 531 21.22 -26.50 -0.41
C SER A 531 20.07 -26.45 0.62
N PHE A 532 19.45 -25.28 0.76
CA PHE A 532 18.33 -25.10 1.70
C PHE A 532 17.05 -25.72 1.17
N ARG A 533 16.87 -25.66 -0.15
CA ARG A 533 15.70 -26.22 -0.80
C ARG A 533 15.56 -27.70 -0.45
N ARG A 534 16.69 -28.35 -0.22
CA ARG A 534 16.73 -29.76 0.17
C ARG A 534 16.44 -29.93 1.66
N ILE A 535 17.31 -29.35 2.48
CA ILE A 535 17.10 -29.33 3.92
C ILE A 535 15.66 -29.04 4.35
N ILE A 536 14.87 -28.38 3.50
CA ILE A 536 13.59 -27.84 3.95
C ILE A 536 12.38 -28.55 3.34
N GLU A 537 11.44 -28.95 4.19
CA GLU A 537 10.34 -29.81 3.77
C GLU A 537 9.40 -29.20 2.75
N ASN A 538 9.00 -27.95 2.97
CA ASN A 538 8.45 -27.13 1.89
C ASN A 538 8.59 -25.64 2.12
N VAL A 539 8.59 -24.88 1.02
CA VAL A 539 8.49 -23.44 1.10
C VAL A 539 7.02 -23.09 1.12
N ASP A 540 6.59 -22.38 2.15
CA ASP A 540 5.18 -22.03 2.27
C ASP A 540 4.94 -20.53 2.14
N VAL A 541 4.23 -20.13 1.09
CA VAL A 541 3.81 -18.75 0.94
C VAL A 541 2.38 -18.57 1.42
N ILE A 542 2.19 -17.67 2.37
CA ILE A 542 0.86 -17.43 2.94
C ILE A 542 0.37 -16.07 2.49
N THR A 543 -0.83 -16.02 1.91
CA THR A 543 -1.38 -14.76 1.42
C THR A 543 -2.69 -14.36 2.07
N ARG A 544 -3.51 -15.35 2.39
CA ARG A 544 -4.78 -15.09 3.08
CA ARG A 544 -4.78 -15.09 3.06
C ARG A 544 -4.84 -15.93 4.34
N PRO A 545 -4.00 -15.59 5.32
CA PRO A 545 -3.97 -16.36 6.56
C PRO A 545 -5.30 -16.22 7.28
N LYS A 546 -5.84 -17.33 7.73
CA LYS A 546 -7.08 -17.32 8.49
C LYS A 546 -8.14 -16.92 7.50
N ASP A 547 -7.75 -16.93 6.23
CA ASP A 547 -8.56 -16.38 5.16
C ASP A 547 -8.95 -14.91 5.36
N MET A 548 -8.04 -14.09 5.87
CA MET A 548 -8.38 -12.68 6.07
C MET A 548 -7.95 -11.79 4.90
N ASP A 549 -8.37 -10.54 4.96
CA ASP A 549 -8.01 -9.51 3.99
C ASP A 549 -6.55 -9.14 4.24
N PRO A 550 -5.68 -9.33 3.24
CA PRO A 550 -4.25 -9.01 3.41
C PRO A 550 -4.03 -7.54 3.79
N ARG A 551 -4.95 -6.69 3.39
CA ARG A 551 -4.85 -5.29 3.74
C ARG A 551 -5.01 -5.03 5.22
N LEU A 552 -5.67 -5.94 5.93
CA LEU A 552 -6.03 -5.71 7.34
C LEU A 552 -5.22 -6.48 8.37
N ILE A 553 -4.36 -7.40 7.91
CA ILE A 553 -3.58 -8.24 8.81
C ILE A 553 -2.79 -7.43 9.85
N ALA A 554 -2.09 -6.39 9.40
CA ALA A 554 -1.26 -5.64 10.30
C ALA A 554 -2.12 -4.84 11.29
N TRP A 555 -3.14 -4.18 10.77
CA TRP A 555 -4.02 -3.47 11.66
C TRP A 555 -4.60 -4.45 12.70
N LYS A 556 -5.07 -5.61 12.27
CA LYS A 556 -5.61 -6.58 13.22
C LYS A 556 -4.57 -6.98 14.25
N GLY A 557 -3.33 -7.15 13.80
CA GLY A 557 -2.24 -7.40 14.72
C GLY A 557 -2.07 -6.31 15.75
N GLY A 558 -2.32 -5.07 15.36
CA GLY A 558 -2.21 -3.94 16.28
C GLY A 558 -3.22 -4.07 17.41
N ALA A 559 -4.46 -4.38 17.06
CA ALA A 559 -5.50 -4.62 18.06
C ALA A 559 -5.08 -5.76 18.99
N VAL A 560 -4.65 -6.87 18.39
CA VAL A 560 -4.15 -8.00 19.13
C VAL A 560 -3.04 -7.60 20.09
N LEU A 561 -2.21 -6.65 19.67
CA LEU A 561 -1.10 -6.18 20.48
C LEU A 561 -1.59 -5.51 21.77
N ALA A 562 -2.80 -4.95 21.72
CA ALA A 562 -3.36 -4.24 22.87
C ALA A 562 -3.73 -5.19 24.00
N CYS A 563 -4.11 -6.41 23.64
CA CYS A 563 -4.49 -7.45 24.59
C CYS A 563 -3.28 -8.11 25.25
N LEU A 564 -2.10 -7.98 24.66
CA LEU A 564 -0.92 -8.69 25.18
C LEU A 564 -0.47 -8.22 26.56
N ASP A 565 0.00 -9.17 27.33
CA ASP A 565 0.40 -8.95 28.71
C ASP A 565 1.65 -8.08 28.79
N THR A 566 2.63 -8.38 27.93
CA THR A 566 3.86 -7.60 27.84
C THR A 566 3.61 -6.14 27.44
N THR A 567 2.42 -5.88 26.93
CA THR A 567 2.06 -4.55 26.46
C THR A 567 1.84 -3.52 27.58
N GLN A 568 1.46 -4.00 28.77
CA GLN A 568 1.22 -3.09 29.88
C GLN A 568 2.42 -2.18 30.12
N GLU A 569 3.62 -2.69 29.85
CA GLU A 569 4.84 -1.95 30.11
C GLU A 569 5.29 -1.07 28.94
N LEU A 570 4.54 -1.07 27.83
CA LEU A 570 4.96 -0.31 26.67
C LEU A 570 4.40 1.10 26.62
N TRP A 571 3.22 1.30 27.24
CA TRP A 571 2.54 2.59 27.16
C TRP A 571 3.41 3.78 27.55
N ILE A 572 3.39 4.80 26.71
CA ILE A 572 4.01 6.06 27.06
C ILE A 572 2.90 7.05 27.27
N TYR A 573 2.90 7.71 28.43
CA TYR A 573 1.79 8.59 28.79
C TYR A 573 2.13 10.05 28.61
N GLN A 574 1.09 10.86 28.49
CA GLN A 574 1.24 12.28 28.22
C GLN A 574 2.31 12.98 29.03
N ARG A 575 2.27 12.82 30.35
CA ARG A 575 3.16 13.60 31.20
C ARG A 575 4.61 13.15 31.09
N GLU A 576 4.83 11.85 30.98
CA GLU A 576 6.18 11.35 30.72
C GLU A 576 6.71 11.94 29.41
N TRP A 577 5.82 12.13 28.45
CA TRP A 577 6.22 12.69 27.19
C TRP A 577 6.53 14.15 27.31
N GLN A 578 5.59 14.91 27.85
CA GLN A 578 5.78 16.34 28.05
C GLN A 578 7.09 16.61 28.75
N ARG A 579 7.45 15.71 29.65
CA ARG A 579 8.64 15.87 30.47
C ARG A 579 9.89 15.48 29.70
N PHE A 580 9.98 14.20 29.34
CA PHE A 580 11.23 13.63 28.88
C PHE A 580 11.24 13.52 27.37
N GLY A 581 10.07 13.60 26.77
CA GLY A 581 9.93 13.40 25.33
C GLY A 581 10.63 12.16 24.79
N VAL A 582 11.38 12.37 23.72
CA VAL A 582 12.00 11.31 22.94
C VAL A 582 12.70 10.26 23.79
N ARG A 583 13.10 10.68 24.98
CA ARG A 583 13.77 9.77 25.91
C ARG A 583 12.89 8.54 26.16
N MET A 584 11.57 8.73 26.08
CA MET A 584 10.64 7.66 26.38
C MET A 584 10.75 6.55 25.36
N LEU A 585 10.82 6.92 24.10
CA LEU A 585 10.97 5.97 23.01
C LEU A 585 12.26 5.19 23.14
N ARG A 586 13.37 5.89 23.42
CA ARG A 586 14.63 5.20 23.62
C ARG A 586 14.53 4.20 24.77
N GLU A 587 13.91 4.60 25.87
CA GLU A 587 13.77 3.72 27.01
C GLU A 587 12.79 2.59 26.75
N ARG A 588 11.62 2.94 26.23
CA ARG A 588 10.46 2.08 26.39
C ARG A 588 9.85 1.51 25.11
N ALA A 589 10.54 1.64 23.99
CA ALA A 589 10.03 1.10 22.75
C ALA A 589 10.27 -0.42 22.66
N ALA A 590 9.23 -1.14 22.24
CA ALA A 590 9.27 -2.59 22.06
C ALA A 590 10.41 -3.01 21.15
N PHE A 591 10.67 -2.18 20.14
CA PHE A 591 11.79 -2.42 19.24
C PHE A 591 12.96 -1.58 19.69
N VAL A 592 14.13 -1.84 19.12
CA VAL A 592 15.30 -1.04 19.41
C VAL A 592 15.22 0.31 18.68
N TRP A 593 14.87 1.35 19.42
CA TRP A 593 14.80 2.68 18.85
C TRP A 593 16.10 3.00 18.10
MG MG B . 0.84 0.05 3.94
PG ATP C . 1.78 1.79 1.29
O1G ATP C . 1.79 0.55 2.14
O2G ATP C . 1.99 3.08 2.04
O3G ATP C . 2.59 1.72 0.02
PB ATP C . -1.10 1.46 1.51
O1B ATP C . -2.05 2.58 1.21
O2B ATP C . -0.89 0.89 2.91
O3B ATP C . 0.27 1.88 0.78
PA ATP C . -2.53 -0.88 0.75
O1A ATP C . -3.85 -0.20 1.02
O2A ATP C . -2.01 -1.98 1.64
O3A ATP C . -1.44 0.25 0.51
O5' ATP C . -2.61 -1.49 -0.73
C5' ATP C . -3.06 -0.61 -1.75
C4' ATP C . -2.80 -1.26 -3.09
O4' ATP C . -3.48 -2.51 -3.09
C3' ATP C . -3.33 -0.46 -4.26
O3' ATP C . -2.32 -0.34 -5.27
C2' ATP C . -4.49 -1.29 -4.78
O2' ATP C . -4.67 -1.18 -6.18
C1' ATP C . -4.02 -2.67 -4.40
N9 ATP C . -5.13 -3.64 -4.47
C8 ATP C . -6.23 -3.65 -3.69
N7 ATP C . -7.05 -4.66 -4.03
C5 ATP C . -6.47 -5.32 -5.04
C6 ATP C . -6.81 -6.49 -5.87
N6 ATP C . -7.98 -7.15 -5.65
N1 ATP C . -5.93 -6.86 -6.83
C2 ATP C . -4.77 -6.19 -7.05
N3 ATP C . -4.41 -5.11 -6.34
C4 ATP C . -5.20 -4.64 -5.33
C1 GOL D . 13.53 1.24 -12.90
O1 GOL D . 12.11 1.19 -12.74
C2 GOL D . 14.34 1.04 -11.60
O2 GOL D . 14.20 2.19 -10.79
C3 GOL D . 15.84 0.88 -11.87
O3 GOL D . 16.19 -0.46 -12.18
C1 GOL E . -21.42 10.68 -6.06
O1 GOL E . -22.73 10.34 -5.62
C2 GOL E . -20.42 10.65 -4.90
O2 GOL E . -19.61 9.48 -4.99
C3 GOL E . -19.50 11.88 -4.93
O3 GOL E . -19.93 12.93 -4.08
C1 GOL F . 9.41 -6.56 -24.93
O1 GOL F . 8.52 -7.62 -24.68
C2 GOL F . 9.26 -6.05 -26.36
O2 GOL F . 9.37 -4.63 -26.33
C3 GOL F . 7.89 -6.45 -26.92
O3 GOL F . 7.99 -6.68 -28.32
C1 GOL G . -12.04 14.23 -17.73
O1 GOL G . -13.41 13.90 -17.83
C2 GOL G . -11.20 13.04 -18.19
O2 GOL G . -11.72 12.52 -19.41
C3 GOL G . -9.77 13.55 -18.39
O3 GOL G . -8.86 12.50 -18.16
C1 GOL H . -9.48 -12.74 -16.40
O1 GOL H . -8.65 -12.65 -17.55
C2 GOL H . -8.65 -12.40 -15.15
O2 GOL H . -8.16 -11.09 -15.27
C3 GOL H . -9.47 -12.55 -13.87
O3 GOL H . -8.57 -12.57 -12.77
C1 GOL I . -17.92 21.97 -7.82
O1 GOL I . -17.92 21.48 -9.14
C2 GOL I . -19.34 22.10 -7.28
O2 GOL I . -19.87 20.81 -7.02
C3 GOL I . -19.29 22.96 -6.02
O3 GOL I . -20.45 22.81 -5.23
C1 GOL J . -6.73 15.76 -11.66
O1 GOL J . -6.70 16.91 -12.51
C2 GOL J . -8.00 15.69 -10.79
O2 GOL J . -7.63 15.65 -9.44
C3 GOL J . -8.85 14.47 -11.12
O3 GOL J . -10.22 14.58 -10.73
C1 GOL K . -6.79 -5.50 27.10
O1 GOL K . -6.44 -4.15 26.96
C2 GOL K . -7.96 -5.83 26.18
O2 GOL K . -7.54 -6.85 25.28
C3 GOL K . -9.18 -6.26 27.02
O3 GOL K . -10.42 -5.90 26.44
CL CL L . -10.39 -9.67 7.18
#